data_5OPY
#
_entry.id   5OPY
#
_cell.length_a   51.810
_cell.length_b   82.350
_cell.length_c   92.170
_cell.angle_alpha   90.00
_cell.angle_beta   90.00
_cell.angle_gamma   90.00
#
_symmetry.space_group_name_H-M   'P 2 21 21'
#
loop_
_entity.id
_entity.type
_entity.pdbx_description
1 polymer 'Heavy chain of LM609 Fab (antigen-binding fragment)'
2 polymer 'Light chain of LM609 Fab (antigen-binding fragment)'
3 water water
#
loop_
_entity_poly.entity_id
_entity_poly.type
_entity_poly.pdbx_seq_one_letter_code
_entity_poly.pdbx_strand_id
1 'polypeptide(L)'
;EVQLEESGGGLVKPGGSLKLSCAASGFAFSSYDMSWVRQIPEKRLEWVAKVSSGGGSTYYLDTVQGRFTISRDNAKNTLY
LQMSSLNSEDTAMYYCARHNYGSFAYWGQGTLVTVSAAKTTPPSVYPLAPGSAAQTNSMVTLGCLVKGYFPEPVTVTWNS
GSLSSGVHTFPAVLQSDLYTLSSSVTVPSSTWPSETVTCNVAHPASSTKVDKKIVPRDCGASDDDDKAGWSHPQFEKGGG
SGGGSGGGSWSHPQFEK
;
H
2 'polypeptide(L)'
;ELVMTQTPATLSVTPGDSVSLSCRASQSISNHLHWYQQKSHESPRLLIKYASQSISGIPSRFSGSGSGTDFTLSINSVET
EDFGMYFCQQSNSWPHTFGGGTKLEIKRADAAPTVSIFPPSSEQLTSGGASVVCFLNNFYPKDINVKWKIDGSERQNGVL
NSWTDQDSKDSTYSMSSTLTLTKDEYERHNSYTCEATHKTSTSPIVKSFNRNEC
;
L
#
# COMPACT_ATOMS: atom_id res chain seq x y z
N GLU A 1 -13.07 -21.83 11.27
CA GLU A 1 -12.18 -21.21 10.29
C GLU A 1 -11.07 -20.42 11.02
N VAL A 2 -9.85 -20.49 10.50
CA VAL A 2 -8.66 -19.88 11.07
C VAL A 2 -8.78 -18.36 11.19
N GLN A 3 -8.45 -17.83 12.38
CA GLN A 3 -8.40 -16.39 12.62
C GLN A 3 -7.10 -16.04 13.25
N LEU A 4 -6.44 -15.02 12.71
CA LEU A 4 -5.19 -14.54 13.24
C LEU A 4 -5.29 -13.07 13.34
N GLU A 5 -5.00 -12.56 14.50
CA GLU A 5 -5.09 -11.13 14.74
C GLU A 5 -3.90 -10.59 15.48
N GLU A 6 -2.99 -9.96 14.75
CA GLU A 6 -1.85 -9.31 15.39
C GLU A 6 -2.26 -7.92 15.91
N SER A 7 -1.50 -7.44 16.92
CA SER A 7 -1.66 -6.16 17.58
C SER A 7 -0.30 -5.76 18.23
N GLY A 8 -0.20 -4.52 18.68
CA GLY A 8 0.98 -3.99 19.36
C GLY A 8 1.92 -3.13 18.51
N GLY A 9 1.61 -2.96 17.24
CA GLY A 9 2.48 -2.18 16.35
C GLY A 9 2.44 -0.69 16.60
N GLY A 10 3.51 0.00 16.27
CA GLY A 10 3.52 1.44 16.47
C GLY A 10 4.88 2.09 16.28
N LEU A 11 4.95 3.37 16.67
CA LEU A 11 6.15 4.16 16.55
C LEU A 11 7.03 3.87 17.74
N VAL A 12 8.29 3.52 17.44
CA VAL A 12 9.33 3.26 18.45
C VAL A 12 10.59 4.04 18.03
N LYS A 13 11.23 4.63 19.03
CA LYS A 13 12.49 5.37 18.89
C LYS A 13 13.61 4.34 18.58
N PRO A 14 14.62 4.66 17.71
CA PRO A 14 15.71 3.69 17.47
C PRO A 14 16.49 3.33 18.75
N GLY A 15 16.74 2.04 18.90
CA GLY A 15 17.39 1.45 20.07
C GLY A 15 16.36 1.08 21.12
N GLY A 16 15.08 1.24 20.77
CA GLY A 16 13.92 0.93 21.62
C GLY A 16 13.45 -0.51 21.52
N SER A 17 12.42 -0.83 22.32
CA SER A 17 11.83 -2.16 22.38
C SER A 17 10.32 -2.10 22.14
N LEU A 18 9.75 -3.17 21.62
CA LEU A 18 8.32 -3.26 21.35
C LEU A 18 7.90 -4.71 21.41
N LYS A 19 6.72 -4.97 21.95
CA LYS A 19 6.19 -6.32 22.00
C LYS A 19 4.99 -6.45 21.08
N LEU A 20 5.05 -7.39 20.11
CA LEU A 20 3.92 -7.66 19.20
C LEU A 20 3.17 -8.91 19.73
N SER A 21 1.85 -8.94 19.54
CA SER A 21 0.97 -10.02 19.98
C SER A 21 0.17 -10.46 18.80
N CYS A 22 -0.16 -11.74 18.74
CA CYS A 22 -0.99 -12.31 17.68
C CYS A 22 -1.95 -13.26 18.36
N ALA A 23 -3.24 -12.91 18.39
CA ALA A 23 -4.30 -13.80 18.94
C ALA A 23 -4.75 -14.75 17.86
N ALA A 24 -4.94 -16.02 18.22
CA ALA A 24 -5.39 -17.03 17.29
C ALA A 24 -6.65 -17.78 17.76
N SER A 25 -7.55 -18.10 16.82
CA SER A 25 -8.77 -18.91 17.03
C SER A 25 -9.15 -19.70 15.76
N GLY A 26 -10.13 -20.61 15.91
CA GLY A 26 -10.65 -21.45 14.84
C GLY A 26 -9.81 -22.64 14.45
N PHE A 27 -8.80 -23.02 15.27
CA PHE A 27 -7.89 -24.15 15.02
C PHE A 27 -7.19 -24.61 16.30
N ALA A 28 -6.56 -25.79 16.25
CA ALA A 28 -5.80 -26.35 17.37
C ALA A 28 -4.43 -25.60 17.41
N PHE A 29 -4.38 -24.39 18.08
CA PHE A 29 -3.18 -23.50 18.17
C PHE A 29 -1.91 -24.25 18.46
N SER A 30 -1.90 -25.04 19.52
CA SER A 30 -0.76 -25.90 19.94
C SER A 30 -0.33 -27.01 18.93
N SER A 31 -1.14 -27.33 17.92
CA SER A 31 -0.76 -28.37 16.96
C SER A 31 -0.03 -27.82 15.71
N TYR A 32 0.26 -26.49 15.68
CA TYR A 32 0.89 -25.83 14.52
C TYR A 32 2.03 -24.90 14.86
N ASP A 33 3.08 -24.92 14.04
CA ASP A 33 4.25 -24.02 14.14
C ASP A 33 3.84 -22.62 13.66
N MET A 34 4.23 -21.57 14.43
CA MET A 34 3.90 -20.18 14.09
C MET A 34 5.12 -19.38 13.63
N SER A 35 4.90 -18.45 12.71
CA SER A 35 5.97 -17.59 12.22
C SER A 35 5.56 -16.13 12.23
N TRP A 36 6.57 -15.26 12.17
CA TRP A 36 6.44 -13.82 11.98
C TRP A 36 7.12 -13.53 10.65
N VAL A 37 6.38 -12.90 9.72
CA VAL A 37 6.90 -12.52 8.40
C VAL A 37 6.62 -11.04 8.25
N ARG A 38 7.65 -10.26 7.91
CA ARG A 38 7.48 -8.81 7.76
C ARG A 38 7.56 -8.32 6.33
N GLN A 39 6.74 -7.37 5.99
CA GLN A 39 6.79 -6.76 4.68
C GLN A 39 7.42 -5.35 4.79
N ILE A 40 8.63 -5.18 4.23
CA ILE A 40 9.42 -3.92 4.20
C ILE A 40 8.76 -2.87 3.26
N PRO A 41 9.03 -1.52 3.39
CA PRO A 41 8.45 -0.55 2.43
C PRO A 41 8.68 -0.85 0.94
N GLU A 42 9.80 -1.55 0.59
CA GLU A 42 10.13 -1.98 -0.77
C GLU A 42 9.08 -2.96 -1.35
N LYS A 43 8.19 -3.52 -0.47
CA LYS A 43 7.13 -4.52 -0.69
C LYS A 43 7.69 -5.95 -0.58
N ARG A 44 8.98 -6.07 -0.21
CA ARG A 44 9.67 -7.34 -0.04
C ARG A 44 9.29 -8.02 1.27
N LEU A 45 9.00 -9.31 1.19
CA LEU A 45 8.70 -10.09 2.35
C LEU A 45 9.99 -10.65 2.89
N GLU A 46 10.06 -10.75 4.20
CA GLU A 46 11.22 -11.23 4.92
C GLU A 46 10.70 -12.00 6.10
N TRP A 47 11.04 -13.29 6.16
CA TRP A 47 10.69 -14.18 7.25
C TRP A 47 11.60 -13.75 8.41
N VAL A 48 11.01 -13.59 9.61
CA VAL A 48 11.67 -13.04 10.79
C VAL A 48 12.03 -14.10 11.83
N ALA A 49 11.03 -14.86 12.30
CA ALA A 49 11.17 -15.90 13.32
C ALA A 49 10.09 -16.99 13.21
N LYS A 50 10.39 -18.17 13.73
CA LYS A 50 9.49 -19.33 13.76
C LYS A 50 9.61 -19.93 15.10
N VAL A 51 8.48 -20.36 15.67
CA VAL A 51 8.38 -21.06 16.96
C VAL A 51 7.66 -22.40 16.68
N SER A 52 8.16 -23.50 17.26
CA SER A 52 7.60 -24.86 17.12
C SER A 52 6.23 -24.95 17.82
N SER A 53 5.40 -25.92 17.40
CA SER A 53 4.05 -26.18 17.95
C SER A 53 4.00 -26.17 19.48
N GLY A 54 4.98 -26.84 20.11
CA GLY A 54 5.12 -26.92 21.57
C GLY A 54 5.92 -25.77 22.15
N GLY A 55 6.62 -25.02 21.29
CA GLY A 55 7.45 -23.88 21.69
C GLY A 55 8.85 -24.23 22.14
N GLY A 56 9.33 -25.42 21.74
CA GLY A 56 10.65 -25.94 22.08
C GLY A 56 11.76 -25.53 21.12
N SER A 57 11.45 -25.37 19.84
CA SER A 57 12.45 -24.99 18.84
C SER A 57 12.15 -23.63 18.17
N THR A 58 12.98 -22.61 18.46
CA THR A 58 12.86 -21.25 17.90
C THR A 58 13.95 -20.98 16.85
N TYR A 59 13.57 -20.34 15.74
CA TYR A 59 14.45 -20.03 14.62
C TYR A 59 14.30 -18.54 14.30
N TYR A 60 15.41 -17.85 14.00
CA TYR A 60 15.41 -16.41 13.71
C TYR A 60 16.25 -16.10 12.49
N LEU A 61 15.84 -15.08 11.75
CA LEU A 61 16.61 -14.51 10.64
C LEU A 61 17.86 -13.94 11.33
N ASP A 62 19.03 -14.16 10.73
CA ASP A 62 20.32 -13.81 11.32
C ASP A 62 20.47 -12.35 11.75
N THR A 63 19.95 -11.39 10.94
CA THR A 63 19.99 -9.95 11.22
C THR A 63 19.15 -9.57 12.42
N VAL A 64 18.22 -10.45 12.82
CA VAL A 64 17.28 -10.28 13.93
C VAL A 64 17.73 -11.07 15.21
N GLN A 65 18.71 -12.01 15.08
CA GLN A 65 19.24 -12.84 16.17
C GLN A 65 19.82 -12.04 17.35
N GLY A 66 19.43 -12.42 18.57
CA GLY A 66 19.88 -11.78 19.80
C GLY A 66 19.14 -10.53 20.22
N ARG A 67 18.38 -9.91 19.28
CA ARG A 67 17.57 -8.68 19.45
C ARG A 67 16.09 -9.03 19.59
N PHE A 68 15.60 -10.07 18.88
CA PHE A 68 14.19 -10.46 18.98
C PHE A 68 13.99 -11.79 19.65
N THR A 69 12.81 -12.00 20.26
CA THR A 69 12.45 -13.25 20.92
C THR A 69 11.01 -13.61 20.59
N ILE A 70 10.81 -14.70 19.84
CA ILE A 70 9.51 -15.27 19.50
C ILE A 70 9.11 -16.26 20.58
N SER A 71 7.94 -16.06 21.17
CA SER A 71 7.41 -16.95 22.21
C SER A 71 5.92 -17.18 21.96
N ARG A 72 5.33 -18.15 22.64
CA ARG A 72 3.92 -18.44 22.50
C ARG A 72 3.33 -18.96 23.80
N ASP A 73 2.05 -18.67 24.01
CA ASP A 73 1.27 -19.14 25.14
C ASP A 73 0.16 -20.00 24.56
N ASN A 74 0.35 -21.33 24.61
CA ASN A 74 -0.58 -22.32 24.05
C ASN A 74 -1.90 -22.35 24.77
N ALA A 75 -1.88 -22.01 26.06
CA ALA A 75 -3.10 -21.93 26.86
C ALA A 75 -3.89 -20.68 26.52
N LYS A 76 -3.18 -19.62 26.14
CA LYS A 76 -3.80 -18.35 25.82
C LYS A 76 -3.99 -18.13 24.33
N ASN A 77 -3.64 -19.12 23.47
CA ASN A 77 -3.78 -19.06 21.99
C ASN A 77 -3.18 -17.79 21.38
N THR A 78 -2.15 -17.26 22.03
CA THR A 78 -1.46 -16.04 21.63
C THR A 78 -0.02 -16.37 21.30
N LEU A 79 0.49 -15.69 20.29
CA LEU A 79 1.85 -15.73 19.78
C LEU A 79 2.44 -14.34 20.09
N TYR A 80 3.76 -14.30 20.40
CA TYR A 80 4.46 -13.09 20.73
C TYR A 80 5.73 -12.86 19.93
N LEU A 81 6.15 -11.59 19.82
CA LEU A 81 7.40 -11.13 19.23
C LEU A 81 7.89 -9.88 19.99
N GLN A 82 8.69 -10.10 21.03
CA GLN A 82 9.36 -9.08 21.83
C GLN A 82 10.57 -8.69 21.00
N MET A 83 10.69 -7.40 20.75
CA MET A 83 11.73 -6.82 19.89
C MET A 83 12.46 -5.79 20.70
N SER A 84 13.79 -5.71 20.55
CA SER A 84 14.61 -4.75 21.29
C SER A 84 15.69 -4.29 20.37
N SER A 85 16.44 -3.23 20.78
CA SER A 85 17.59 -2.70 20.03
C SER A 85 17.15 -2.43 18.55
N LEU A 86 15.94 -1.86 18.40
CA LEU A 86 15.36 -1.64 17.07
C LEU A 86 16.14 -0.62 16.24
N ASN A 87 16.16 -0.86 14.92
CA ASN A 87 16.84 -0.05 13.93
C ASN A 87 15.85 0.29 12.81
N SER A 88 16.24 1.22 11.91
CA SER A 88 15.45 1.67 10.76
C SER A 88 15.10 0.51 9.84
N GLU A 89 16.00 -0.47 9.75
CA GLU A 89 15.79 -1.66 8.94
C GLU A 89 14.65 -2.55 9.49
N ASP A 90 14.20 -2.31 10.74
CA ASP A 90 13.12 -3.12 11.32
C ASP A 90 11.72 -2.53 11.08
N THR A 91 11.63 -1.39 10.34
CA THR A 91 10.37 -0.73 9.95
C THR A 91 9.70 -1.61 8.89
N ALA A 92 8.49 -2.09 9.22
CA ALA A 92 7.74 -3.00 8.38
C ALA A 92 6.32 -3.26 8.89
N MET A 93 5.55 -3.97 8.05
CA MET A 93 4.24 -4.46 8.37
C MET A 93 4.54 -5.87 8.84
N TYR A 94 4.22 -6.18 10.10
CA TYR A 94 4.45 -7.50 10.69
C TYR A 94 3.18 -8.37 10.70
N TYR A 95 3.31 -9.56 10.04
CA TYR A 95 2.26 -10.58 9.91
C TYR A 95 2.66 -11.83 10.67
N CYS A 96 1.69 -12.40 11.39
CA CYS A 96 1.90 -13.66 12.09
C CYS A 96 1.27 -14.69 11.19
N ALA A 97 1.87 -15.88 11.07
CA ALA A 97 1.40 -16.86 10.12
C ALA A 97 1.49 -18.30 10.60
N ARG A 98 0.45 -19.05 10.32
CA ARG A 98 0.35 -20.45 10.67
C ARG A 98 1.00 -21.27 9.57
N HIS A 99 1.81 -22.25 9.97
CA HIS A 99 2.47 -23.11 8.99
C HIS A 99 1.64 -24.32 8.53
N ASN A 100 1.99 -24.81 7.33
CA ASN A 100 1.58 -26.06 6.69
C ASN A 100 2.95 -26.57 6.20
N TYR A 101 3.67 -27.13 7.18
CA TYR A 101 5.04 -27.61 7.06
C TYR A 101 5.95 -26.41 6.68
N GLY A 102 6.44 -26.35 5.44
CA GLY A 102 7.31 -25.25 5.01
C GLY A 102 6.62 -24.00 4.48
N SER A 103 5.32 -24.11 4.19
CA SER A 103 4.54 -22.99 3.67
C SER A 103 3.83 -22.17 4.80
N PHE A 104 3.52 -20.90 4.55
CA PHE A 104 2.76 -20.12 5.52
C PHE A 104 1.34 -20.16 4.93
N ALA A 105 0.52 -21.07 5.44
CA ALA A 105 -0.86 -21.35 4.93
C ALA A 105 -1.91 -20.30 5.24
N TYR A 106 -1.85 -19.69 6.44
CA TYR A 106 -2.80 -18.66 6.87
C TYR A 106 -2.04 -17.47 7.40
N TRP A 107 -2.49 -16.25 7.05
CA TRP A 107 -1.81 -15.03 7.48
C TRP A 107 -2.75 -14.09 8.17
N GLY A 108 -2.20 -13.28 9.05
CA GLY A 108 -2.96 -12.24 9.71
C GLY A 108 -3.15 -11.03 8.83
N GLN A 109 -3.70 -9.96 9.38
CA GLN A 109 -4.01 -8.75 8.65
C GLN A 109 -2.86 -7.77 8.60
N GLY A 110 -1.96 -7.85 9.60
CA GLY A 110 -0.78 -7.02 9.71
C GLY A 110 -0.85 -5.90 10.73
N THR A 111 0.29 -5.71 11.43
CA THR A 111 0.54 -4.68 12.44
C THR A 111 1.84 -3.87 12.07
N LEU A 112 1.65 -2.58 11.70
CA LEU A 112 2.74 -1.68 11.30
C LEU A 112 3.67 -1.32 12.45
N VAL A 113 5.00 -1.37 12.22
CA VAL A 113 6.05 -1.03 13.19
C VAL A 113 6.90 0.07 12.57
N THR A 114 6.93 1.26 13.18
CA THR A 114 7.73 2.34 12.60
C THR A 114 8.89 2.60 13.52
N VAL A 115 10.11 2.47 13.00
CA VAL A 115 11.30 2.74 13.81
C VAL A 115 11.93 4.05 13.34
N SER A 116 11.69 5.15 14.10
CA SER A 116 12.16 6.51 13.72
C SER A 116 12.30 7.42 14.91
N ALA A 117 13.21 8.43 14.80
CA ALA A 117 13.41 9.41 15.88
C ALA A 117 12.33 10.52 15.82
N ALA A 118 11.63 10.64 14.65
CA ALA A 118 10.54 11.60 14.42
C ALA A 118 9.39 11.38 15.41
N LYS A 119 8.79 12.46 15.88
CA LYS A 119 7.70 12.37 16.83
C LYS A 119 6.35 12.14 16.17
N THR A 120 5.39 11.62 16.95
CA THR A 120 4.01 11.46 16.50
C THR A 120 3.45 12.87 16.31
N THR A 121 2.82 13.12 15.14
CA THR A 121 2.22 14.41 14.80
C THR A 121 0.89 14.20 14.07
N PRO A 122 -0.16 14.91 14.52
CA PRO A 122 -1.48 14.72 13.91
C PRO A 122 -1.59 15.38 12.54
N PRO A 123 -2.47 14.91 11.63
CA PRO A 123 -2.55 15.58 10.33
C PRO A 123 -3.21 16.95 10.43
N SER A 124 -2.95 17.81 9.44
CA SER A 124 -3.64 19.08 9.31
C SER A 124 -4.50 18.76 8.11
N VAL A 125 -5.84 18.97 8.18
CA VAL A 125 -6.72 18.53 7.09
C VAL A 125 -7.30 19.70 6.29
N TYR A 126 -6.99 19.75 5.00
CA TYR A 126 -7.40 20.85 4.16
C TYR A 126 -8.42 20.48 3.16
N PRO A 127 -9.48 21.32 3.00
CA PRO A 127 -10.50 21.03 2.01
C PRO A 127 -10.02 21.40 0.62
N LEU A 128 -10.40 20.58 -0.37
CA LEU A 128 -10.07 20.78 -1.78
C LEU A 128 -11.41 20.95 -2.49
N ALA A 129 -11.78 22.20 -2.72
CA ALA A 129 -13.02 22.61 -3.37
C ALA A 129 -12.66 23.31 -4.68
N PRO A 130 -13.43 23.08 -5.78
CA PRO A 130 -13.06 23.72 -7.07
C PRO A 130 -13.07 25.25 -7.06
N GLY A 131 -12.11 25.85 -7.76
CA GLY A 131 -12.02 27.29 -7.95
C GLY A 131 -13.24 27.80 -8.70
N SER A 132 -13.75 28.99 -8.32
CA SER A 132 -14.92 29.64 -8.90
C SER A 132 -14.72 29.89 -10.40
N THR A 136 -19.13 23.89 -16.18
CA THR A 136 -20.02 23.32 -15.18
C THR A 136 -20.56 21.98 -15.71
N ASN A 137 -19.93 20.89 -15.24
CA ASN A 137 -20.18 19.51 -15.68
C ASN A 137 -21.28 18.78 -14.87
N SER A 138 -21.67 17.56 -15.29
CA SER A 138 -22.69 16.76 -14.58
C SER A 138 -22.16 16.28 -13.23
N MET A 139 -20.83 16.11 -13.11
CA MET A 139 -20.17 15.72 -11.87
C MET A 139 -19.20 16.81 -11.36
N VAL A 140 -18.93 16.81 -10.04
CA VAL A 140 -17.97 17.69 -9.38
C VAL A 140 -17.03 16.85 -8.51
N THR A 141 -15.74 17.18 -8.52
CA THR A 141 -14.68 16.50 -7.78
C THR A 141 -14.23 17.34 -6.61
N LEU A 142 -14.28 16.75 -5.42
CA LEU A 142 -13.88 17.35 -4.16
C LEU A 142 -12.80 16.50 -3.53
N GLY A 143 -12.21 17.02 -2.49
CA GLY A 143 -11.15 16.27 -1.87
C GLY A 143 -10.66 16.87 -0.60
N CYS A 144 -9.80 16.15 0.06
CA CYS A 144 -9.13 16.70 1.20
C CYS A 144 -7.70 16.20 1.28
N LEU A 145 -6.90 17.12 1.74
CA LEU A 145 -5.47 16.95 1.83
C LEU A 145 -5.17 16.70 3.28
N VAL A 146 -4.54 15.57 3.54
CA VAL A 146 -4.16 15.11 4.88
C VAL A 146 -2.63 15.29 4.94
N LYS A 147 -2.19 16.43 5.51
CA LYS A 147 -0.78 16.85 5.53
C LYS A 147 -0.10 16.89 6.90
N GLY A 148 1.15 16.43 6.92
CA GLY A 148 2.07 16.44 8.05
C GLY A 148 1.80 15.47 9.17
N TYR A 149 1.56 14.18 8.86
CA TYR A 149 1.25 13.27 9.98
C TYR A 149 2.37 12.26 10.16
N PHE A 150 2.42 11.60 11.33
CA PHE A 150 3.44 10.61 11.66
C PHE A 150 3.01 9.80 12.87
N PRO A 151 3.13 8.47 12.85
CA PRO A 151 3.54 7.64 11.71
C PRO A 151 2.31 7.27 10.88
N GLU A 152 2.50 6.38 9.92
CA GLU A 152 1.37 5.84 9.21
C GLU A 152 0.69 4.92 10.23
N PRO A 153 -0.60 4.59 10.07
CA PRO A 153 -1.51 4.99 8.99
C PRO A 153 -2.56 6.04 9.41
N VAL A 154 -3.34 6.49 8.43
CA VAL A 154 -4.52 7.32 8.62
C VAL A 154 -5.65 6.62 7.85
N THR A 155 -6.90 6.95 8.18
CA THR A 155 -8.09 6.45 7.52
C THR A 155 -8.87 7.63 6.99
N VAL A 156 -9.47 7.50 5.81
CA VAL A 156 -10.32 8.53 5.23
C VAL A 156 -11.66 7.96 4.81
N THR A 157 -12.77 8.56 5.27
CA THR A 157 -14.12 8.26 4.82
C THR A 157 -14.75 9.57 4.40
N TRP A 158 -15.78 9.51 3.57
CA TRP A 158 -16.56 10.65 3.16
C TRP A 158 -17.94 10.46 3.71
N ASN A 159 -18.46 11.51 4.36
CA ASN A 159 -19.76 11.44 5.01
C ASN A 159 -19.88 10.23 5.94
N SER A 160 -18.80 9.94 6.72
CA SER A 160 -18.75 8.84 7.70
C SER A 160 -19.02 7.47 7.12
N GLY A 161 -18.51 7.20 5.91
CA GLY A 161 -18.76 5.91 5.29
C GLY A 161 -19.93 5.88 4.32
N SER A 162 -20.95 6.78 4.47
CA SER A 162 -22.15 6.90 3.60
C SER A 162 -21.81 7.08 2.11
N LEU A 163 -20.82 7.95 1.79
CA LEU A 163 -20.37 8.17 0.41
C LEU A 163 -19.29 7.15 0.12
N SER A 164 -19.56 6.19 -0.77
CA SER A 164 -18.56 5.18 -1.07
C SER A 164 -18.09 5.20 -2.52
N SER A 165 -18.99 5.55 -3.46
CA SER A 165 -18.62 5.58 -4.87
C SER A 165 -17.98 6.89 -5.24
N GLY A 166 -17.04 6.82 -6.18
CA GLY A 166 -16.30 7.96 -6.64
C GLY A 166 -15.20 8.37 -5.67
N VAL A 167 -14.89 7.53 -4.67
CA VAL A 167 -13.86 7.84 -3.67
C VAL A 167 -12.50 7.25 -4.07
N HIS A 168 -11.42 8.07 -4.08
CA HIS A 168 -10.03 7.65 -4.35
C HIS A 168 -9.16 8.08 -3.21
N THR A 169 -8.58 7.13 -2.46
CA THR A 169 -7.67 7.48 -1.37
C THR A 169 -6.26 7.14 -1.81
N PHE A 170 -5.38 8.15 -1.91
CA PHE A 170 -4.02 7.99 -2.41
C PHE A 170 -3.02 7.58 -1.34
N PRO A 171 -2.12 6.59 -1.65
CA PRO A 171 -1.10 6.19 -0.67
C PRO A 171 -0.33 7.37 -0.08
N ALA A 172 0.05 7.29 1.18
CA ALA A 172 0.86 8.37 1.76
C ALA A 172 2.24 8.45 1.11
N VAL A 173 2.78 9.68 1.01
CA VAL A 173 4.11 10.00 0.49
C VAL A 173 4.86 10.57 1.68
N LEU A 174 6.06 10.05 1.98
CA LEU A 174 6.88 10.47 3.11
C LEU A 174 7.89 11.53 2.70
N GLN A 175 7.67 12.75 3.17
CA GLN A 175 8.57 13.87 2.89
C GLN A 175 9.00 14.52 4.23
N SER A 176 10.30 14.37 4.56
CA SER A 176 10.97 14.93 5.75
C SER A 176 10.26 14.62 7.10
N ASP A 177 10.13 13.31 7.40
CA ASP A 177 9.54 12.73 8.63
C ASP A 177 8.05 13.00 8.78
N LEU A 178 7.37 13.40 7.69
CA LEU A 178 5.93 13.65 7.65
C LEU A 178 5.30 13.04 6.43
N TYR A 179 4.17 12.41 6.64
CA TYR A 179 3.40 11.84 5.57
C TYR A 179 2.37 12.85 5.13
N THR A 180 1.96 12.73 3.87
CA THR A 180 0.90 13.52 3.23
C THR A 180 0.10 12.58 2.33
N LEU A 181 -1.22 12.63 2.43
CA LEU A 181 -2.06 11.86 1.52
C LEU A 181 -3.23 12.71 1.12
N SER A 182 -3.88 12.30 0.05
CA SER A 182 -5.01 13.06 -0.42
C SER A 182 -6.09 12.08 -0.75
N SER A 183 -7.33 12.55 -0.75
CA SER A 183 -8.46 11.70 -1.07
C SER A 183 -9.40 12.51 -1.89
N SER A 184 -9.94 11.91 -2.93
CA SER A 184 -10.87 12.59 -3.82
C SER A 184 -12.23 11.92 -3.81
N VAL A 185 -13.30 12.70 -4.11
CA VAL A 185 -14.65 12.24 -4.25
C VAL A 185 -15.33 12.99 -5.41
N THR A 186 -16.04 12.23 -6.24
CA THR A 186 -16.73 12.76 -7.40
C THR A 186 -18.19 12.51 -7.10
N VAL A 187 -18.95 13.60 -6.97
CA VAL A 187 -20.38 13.55 -6.70
C VAL A 187 -21.14 14.27 -7.81
N PRO A 188 -22.48 13.99 -7.98
CA PRO A 188 -23.26 14.76 -8.98
C PRO A 188 -23.25 16.24 -8.63
N SER A 189 -23.02 17.08 -9.66
CA SER A 189 -22.94 18.54 -9.62
C SER A 189 -24.17 19.13 -8.94
N SER A 190 -25.34 18.58 -9.25
CA SER A 190 -26.63 18.99 -8.76
C SER A 190 -26.76 18.88 -7.24
N THR A 191 -26.01 17.96 -6.61
CA THR A 191 -26.07 17.66 -5.18
C THR A 191 -25.05 18.42 -4.33
N TRP A 192 -24.16 19.19 -4.95
CA TRP A 192 -23.17 19.91 -4.17
C TRP A 192 -23.04 21.34 -4.64
N PRO A 193 -23.12 22.32 -3.72
CA PRO A 193 -23.20 22.21 -2.24
C PRO A 193 -24.57 22.00 -1.59
N SER A 194 -25.62 21.71 -2.39
CA SER A 194 -27.01 21.46 -1.97
C SER A 194 -27.07 20.47 -0.79
N GLU A 195 -26.29 19.38 -0.88
CA GLU A 195 -26.09 18.36 0.15
C GLU A 195 -24.65 18.51 0.59
N THR A 196 -24.36 18.26 1.87
CA THR A 196 -23.01 18.42 2.40
C THR A 196 -22.07 17.24 2.12
N VAL A 197 -20.83 17.56 1.79
CA VAL A 197 -19.80 16.54 1.64
C VAL A 197 -18.74 16.91 2.68
N THR A 198 -18.43 15.96 3.59
CA THR A 198 -17.44 16.10 4.67
C THR A 198 -16.45 14.95 4.55
N CYS A 199 -15.14 15.22 4.77
CA CYS A 199 -14.16 14.16 4.77
C CYS A 199 -13.81 13.91 6.22
N ASN A 200 -13.67 12.67 6.58
CA ASN A 200 -13.44 12.27 7.96
C ASN A 200 -12.06 11.62 8.00
N VAL A 201 -11.17 12.12 8.88
CA VAL A 201 -9.79 11.65 8.97
C VAL A 201 -9.52 11.04 10.33
N ALA A 202 -9.08 9.80 10.35
CA ALA A 202 -8.77 9.18 11.63
C ALA A 202 -7.27 8.89 11.71
N HIS A 203 -6.59 9.40 12.75
CA HIS A 203 -5.18 9.12 12.98
C HIS A 203 -4.99 8.41 14.34
N PRO A 204 -4.99 7.06 14.38
CA PRO A 204 -4.89 6.34 15.67
C PRO A 204 -3.66 6.63 16.53
N ALA A 205 -2.48 6.87 15.94
CA ALA A 205 -1.23 7.12 16.68
C ALA A 205 -1.32 8.32 17.63
N SER A 206 -2.13 9.33 17.26
CA SER A 206 -2.36 10.49 18.10
C SER A 206 -3.82 10.52 18.55
N SER A 207 -4.52 9.37 18.47
CA SER A 207 -5.93 9.22 18.85
C SER A 207 -6.87 10.32 18.27
N THR A 208 -6.41 11.09 17.24
CA THR A 208 -7.16 12.17 16.62
C THR A 208 -8.18 11.71 15.53
N LYS A 209 -9.23 12.50 15.37
CA LYS A 209 -10.21 12.33 14.30
C LYS A 209 -10.57 13.73 13.86
N VAL A 210 -10.61 13.97 12.56
CA VAL A 210 -10.96 15.28 12.04
C VAL A 210 -12.11 15.14 11.07
N ASP A 211 -13.12 15.99 11.20
CA ASP A 211 -14.22 16.00 10.23
C ASP A 211 -14.06 17.33 9.52
N LYS A 212 -13.94 17.35 8.19
CA LYS A 212 -13.74 18.60 7.48
C LYS A 212 -14.82 18.74 6.40
N LYS A 213 -15.68 19.77 6.52
CA LYS A 213 -16.73 20.07 5.55
C LYS A 213 -16.08 20.67 4.29
N ILE A 214 -16.64 20.37 3.12
CA ILE A 214 -16.08 20.94 1.89
C ILE A 214 -17.09 21.95 1.40
N VAL A 215 -16.73 23.24 1.57
CA VAL A 215 -17.59 24.37 1.19
C VAL A 215 -17.15 25.05 -0.10
N PRO A 216 -18.09 25.62 -0.91
CA PRO A 216 -17.66 26.33 -2.12
C PRO A 216 -16.78 27.54 -1.82
N ARG A 217 -15.83 27.81 -2.71
CA ARG A 217 -14.86 28.91 -2.61
C ARG A 217 -15.50 30.27 -2.86
N LEU B 2 21.40 -18.39 0.69
CA LEU B 2 20.49 -18.91 -0.30
C LEU B 2 19.62 -17.78 -0.86
N VAL B 3 19.82 -17.47 -2.15
CA VAL B 3 19.12 -16.39 -2.84
C VAL B 3 18.05 -16.90 -3.81
N MET B 4 16.84 -16.34 -3.71
CA MET B 4 15.72 -16.64 -4.60
C MET B 4 15.55 -15.49 -5.57
N THR B 5 15.65 -15.77 -6.87
CA THR B 5 15.55 -14.77 -7.93
C THR B 5 14.32 -15.05 -8.73
N GLN B 6 13.40 -14.07 -8.72
CA GLN B 6 12.13 -14.08 -9.39
C GLN B 6 12.14 -13.17 -10.58
N THR B 7 11.62 -13.67 -11.70
CA THR B 7 11.53 -12.90 -12.95
C THR B 7 10.28 -13.28 -13.73
N PRO B 8 9.64 -12.34 -14.48
CA PRO B 8 9.93 -10.90 -14.58
C PRO B 8 9.54 -10.18 -13.28
N ALA B 9 9.91 -8.90 -13.11
CA ALA B 9 9.53 -8.18 -11.87
C ALA B 9 8.11 -7.67 -11.98
N THR B 10 7.75 -7.22 -13.18
CA THR B 10 6.46 -6.68 -13.53
C THR B 10 5.98 -7.48 -14.73
N LEU B 11 4.68 -7.57 -14.86
CA LEU B 11 4.01 -8.32 -15.90
C LEU B 11 2.73 -7.57 -16.26
N SER B 12 2.50 -7.38 -17.57
CA SER B 12 1.29 -6.73 -18.10
C SER B 12 0.52 -7.78 -18.93
N VAL B 13 -0.66 -8.21 -18.45
CA VAL B 13 -1.43 -9.26 -19.13
C VAL B 13 -2.82 -8.85 -19.56
N THR B 14 -3.17 -9.04 -20.87
CA THR B 14 -4.54 -8.77 -21.32
C THR B 14 -5.36 -9.97 -20.84
N PRO B 15 -6.63 -9.79 -20.42
CA PRO B 15 -7.42 -10.95 -19.96
C PRO B 15 -7.62 -11.94 -21.11
N GLY B 16 -7.62 -13.23 -20.78
CA GLY B 16 -7.69 -14.33 -21.75
C GLY B 16 -6.31 -14.89 -22.04
N ASP B 17 -5.27 -14.01 -22.02
CA ASP B 17 -3.85 -14.36 -22.22
C ASP B 17 -3.28 -15.18 -21.04
N SER B 18 -2.23 -15.93 -21.31
CA SER B 18 -1.56 -16.76 -20.31
C SER B 18 -0.13 -16.28 -19.99
N VAL B 19 0.27 -16.42 -18.73
CA VAL B 19 1.62 -16.09 -18.27
C VAL B 19 2.24 -17.14 -17.34
N SER B 20 3.54 -16.98 -17.12
CA SER B 20 4.30 -17.82 -16.21
C SER B 20 5.40 -17.00 -15.53
N LEU B 21 5.60 -17.27 -14.24
CA LEU B 21 6.64 -16.62 -13.43
C LEU B 21 7.75 -17.62 -13.20
N SER B 22 8.99 -17.13 -13.19
CA SER B 22 10.17 -17.96 -12.96
C SER B 22 10.72 -17.68 -11.57
N CYS B 23 11.02 -18.75 -10.81
CA CYS B 23 11.65 -18.66 -9.50
C CYS B 23 12.92 -19.50 -9.52
N ARG B 24 14.07 -18.87 -9.22
CA ARG B 24 15.37 -19.54 -9.24
C ARG B 24 16.08 -19.52 -7.90
N ALA B 25 16.59 -20.69 -7.49
CA ALA B 25 17.31 -20.94 -6.24
C ALA B 25 18.80 -21.15 -6.56
N SER B 26 19.70 -20.49 -5.78
CA SER B 26 21.16 -20.59 -5.94
C SER B 26 21.67 -22.03 -5.82
N GLN B 27 21.07 -22.79 -4.91
CA GLN B 27 21.38 -24.20 -4.67
C GLN B 27 20.08 -24.98 -4.71
N SER B 28 20.15 -26.30 -4.95
CA SER B 28 18.95 -27.14 -5.02
C SER B 28 18.15 -27.13 -3.71
N ILE B 29 16.83 -26.95 -3.84
CA ILE B 29 15.91 -26.86 -2.71
C ILE B 29 14.86 -27.98 -2.81
N SER B 30 15.16 -29.03 -3.61
CA SER B 30 14.32 -30.21 -3.86
C SER B 30 12.98 -29.69 -4.40
N ASN B 31 11.87 -29.89 -3.69
CA ASN B 31 10.57 -29.35 -4.07
C ASN B 31 10.06 -28.37 -2.96
N HIS B 32 10.94 -27.94 -2.02
CA HIS B 32 10.60 -27.06 -0.91
C HIS B 32 10.39 -25.58 -1.31
N LEU B 33 9.49 -25.36 -2.28
CA LEU B 33 9.16 -24.05 -2.80
C LEU B 33 7.65 -23.85 -2.88
N HIS B 34 7.21 -22.74 -2.25
CA HIS B 34 5.81 -22.36 -2.14
C HIS B 34 5.57 -21.05 -2.87
N TRP B 35 4.33 -20.84 -3.33
CA TRP B 35 3.93 -19.67 -4.08
C TRP B 35 2.77 -18.98 -3.37
N TYR B 36 2.79 -17.65 -3.44
CA TYR B 36 1.82 -16.76 -2.79
C TYR B 36 1.34 -15.69 -3.73
N GLN B 37 0.18 -15.13 -3.41
CA GLN B 37 -0.43 -14.01 -4.14
C GLN B 37 -0.73 -12.96 -3.10
N GLN B 38 -0.56 -11.68 -3.45
CA GLN B 38 -0.85 -10.55 -2.58
C GLN B 38 -1.55 -9.41 -3.33
N LYS B 39 -2.83 -9.24 -3.02
CA LYS B 39 -3.69 -8.19 -3.57
C LYS B 39 -3.47 -6.96 -2.72
N SER B 40 -3.89 -5.77 -3.22
CA SER B 40 -3.76 -4.46 -2.53
C SER B 40 -4.53 -4.41 -1.19
N HIS B 41 -3.87 -3.91 -0.12
CA HIS B 41 -4.39 -3.73 1.26
C HIS B 41 -4.88 -5.08 1.86
N GLU B 42 -4.24 -6.15 1.41
CA GLU B 42 -4.49 -7.53 1.81
C GLU B 42 -3.17 -8.21 2.09
N SER B 43 -3.20 -9.24 2.92
CA SER B 43 -2.05 -10.04 3.32
C SER B 43 -1.74 -11.16 2.27
N PRO B 44 -0.50 -11.70 2.22
CA PRO B 44 -0.23 -12.79 1.27
C PRO B 44 -1.15 -13.99 1.45
N ARG B 45 -1.31 -14.80 0.40
CA ARG B 45 -2.14 -16.00 0.45
C ARG B 45 -1.40 -17.12 -0.29
N LEU B 46 -1.37 -18.34 0.29
CA LEU B 46 -0.73 -19.51 -0.32
C LEU B 46 -1.47 -20.02 -1.56
N LEU B 47 -0.85 -19.90 -2.74
CA LEU B 47 -1.42 -20.36 -4.02
C LEU B 47 -1.17 -21.85 -4.29
N ILE B 48 0.10 -22.24 -4.32
CA ILE B 48 0.67 -23.56 -4.57
C ILE B 48 1.72 -23.79 -3.50
N LYS B 49 1.69 -24.95 -2.86
CA LYS B 49 2.70 -25.36 -1.88
C LYS B 49 3.49 -26.50 -2.51
N TYR B 50 4.74 -26.71 -2.07
CA TYR B 50 5.64 -27.79 -2.47
C TYR B 50 5.69 -27.97 -3.97
N ALA B 51 6.10 -26.88 -4.65
CA ALA B 51 6.32 -26.68 -6.07
C ALA B 51 5.07 -26.84 -6.95
N SER B 52 4.25 -27.93 -6.76
CA SER B 52 3.12 -28.26 -7.64
C SER B 52 1.76 -28.60 -6.95
N GLN B 53 1.70 -28.66 -5.59
CA GLN B 53 0.45 -28.99 -4.89
C GLN B 53 -0.43 -27.77 -4.68
N SER B 54 -1.56 -27.70 -5.41
CA SER B 54 -2.43 -26.56 -5.19
C SER B 54 -3.27 -26.76 -3.90
N ILE B 55 -3.76 -25.63 -3.40
CA ILE B 55 -4.51 -25.45 -2.18
C ILE B 55 -5.99 -25.40 -2.51
N SER B 56 -6.83 -25.91 -1.57
CA SER B 56 -8.28 -25.89 -1.65
C SER B 56 -8.77 -24.46 -1.85
N GLY B 57 -9.62 -24.30 -2.89
CA GLY B 57 -10.24 -23.03 -3.26
C GLY B 57 -9.53 -22.20 -4.31
N ILE B 58 -8.29 -22.57 -4.67
CA ILE B 58 -7.47 -21.85 -5.65
C ILE B 58 -7.79 -22.35 -7.08
N PRO B 59 -8.08 -21.44 -8.04
CA PRO B 59 -8.34 -21.89 -9.43
C PRO B 59 -7.24 -22.79 -10.04
N SER B 60 -7.68 -23.79 -10.81
CA SER B 60 -6.90 -24.81 -11.51
C SER B 60 -6.01 -24.19 -12.55
N ARG B 61 -6.31 -22.92 -12.94
CA ARG B 61 -5.57 -22.10 -13.88
C ARG B 61 -4.17 -21.86 -13.34
N PHE B 62 -4.03 -21.93 -12.00
CA PHE B 62 -2.76 -21.75 -11.31
C PHE B 62 -2.00 -23.08 -11.27
N SER B 63 -0.85 -23.16 -11.93
CA SER B 63 -0.13 -24.43 -11.90
C SER B 63 1.34 -24.21 -11.69
N GLY B 64 1.83 -24.66 -10.54
CA GLY B 64 3.22 -24.61 -10.16
C GLY B 64 3.97 -25.83 -10.68
N SER B 65 5.22 -25.62 -11.11
CA SER B 65 6.11 -26.67 -11.62
C SER B 65 7.55 -26.48 -11.18
N GLY B 66 8.35 -27.53 -11.32
CA GLY B 66 9.78 -27.44 -11.04
C GLY B 66 10.31 -28.25 -9.88
N SER B 67 11.64 -28.36 -9.84
CA SER B 67 12.43 -29.09 -8.84
C SER B 67 13.86 -28.56 -8.81
N GLY B 68 14.53 -28.71 -7.67
CA GLY B 68 15.91 -28.32 -7.48
C GLY B 68 16.21 -26.84 -7.49
N THR B 69 16.59 -26.31 -8.66
CA THR B 69 16.97 -24.91 -8.73
C THR B 69 16.01 -24.02 -9.53
N ASP B 70 15.10 -24.64 -10.32
CA ASP B 70 14.19 -23.88 -11.20
C ASP B 70 12.74 -24.25 -11.05
N PHE B 71 11.89 -23.24 -10.78
CA PHE B 71 10.46 -23.41 -10.55
C PHE B 71 9.64 -22.42 -11.32
N THR B 72 8.47 -22.85 -11.76
CA THR B 72 7.57 -21.98 -12.48
C THR B 72 6.23 -21.94 -11.78
N LEU B 73 5.46 -20.89 -12.05
CA LEU B 73 4.10 -20.67 -11.63
C LEU B 73 3.43 -20.21 -12.88
N SER B 74 2.57 -21.04 -13.47
CA SER B 74 1.89 -20.59 -14.67
C SER B 74 0.47 -20.30 -14.35
N ILE B 75 -0.12 -19.33 -15.06
CA ILE B 75 -1.52 -18.90 -14.95
C ILE B 75 -2.13 -18.90 -16.35
N ASN B 76 -3.09 -19.79 -16.57
CA ASN B 76 -3.77 -19.87 -17.86
C ASN B 76 -4.90 -18.88 -17.86
N SER B 77 -5.10 -18.21 -19.01
CA SER B 77 -6.19 -17.27 -19.23
C SER B 77 -6.43 -16.39 -17.99
N VAL B 78 -5.51 -15.42 -17.83
CA VAL B 78 -5.52 -14.51 -16.72
C VAL B 78 -6.89 -13.76 -16.62
N GLU B 79 -7.44 -13.68 -15.41
CA GLU B 79 -8.67 -12.95 -15.15
C GLU B 79 -8.31 -11.65 -14.48
N THR B 80 -9.19 -10.66 -14.61
CA THR B 80 -9.06 -9.34 -13.98
C THR B 80 -8.72 -9.44 -12.49
N GLU B 81 -9.26 -10.46 -11.81
CA GLU B 81 -9.11 -10.76 -10.39
C GLU B 81 -7.68 -11.26 -10.02
N ASP B 82 -6.89 -11.72 -10.99
CA ASP B 82 -5.50 -12.19 -10.78
C ASP B 82 -4.46 -11.08 -10.55
N PHE B 83 -4.82 -9.79 -10.72
CA PHE B 83 -3.85 -8.72 -10.54
C PHE B 83 -3.27 -8.68 -9.13
N GLY B 84 -2.04 -8.17 -9.00
CA GLY B 84 -1.38 -8.10 -7.70
C GLY B 84 0.05 -8.61 -7.66
N MET B 85 0.53 -8.98 -6.48
CA MET B 85 1.90 -9.38 -6.29
C MET B 85 2.07 -10.85 -6.00
N TYR B 86 3.04 -11.46 -6.66
CA TYR B 86 3.31 -12.87 -6.51
C TYR B 86 4.71 -13.10 -6.01
N PHE B 87 4.82 -13.99 -5.04
CA PHE B 87 6.10 -14.33 -4.43
C PHE B 87 6.25 -15.82 -4.33
N CYS B 88 7.47 -16.30 -4.57
CA CYS B 88 7.86 -17.65 -4.32
C CYS B 88 8.62 -17.56 -3.00
N GLN B 89 8.61 -18.65 -2.24
CA GLN B 89 9.31 -18.76 -0.97
C GLN B 89 9.96 -20.14 -0.90
N GLN B 90 11.13 -20.21 -0.33
CA GLN B 90 11.92 -21.41 -0.11
C GLN B 90 11.81 -21.84 1.38
N SER B 91 11.67 -23.14 1.63
CA SER B 91 11.65 -23.73 2.97
C SER B 91 12.61 -24.90 3.06
N ASN B 92 13.71 -24.86 2.31
CA ASN B 92 14.72 -25.92 2.32
C ASN B 92 15.78 -25.62 3.41
N SER B 93 16.23 -24.35 3.49
CA SER B 93 17.27 -23.96 4.43
C SER B 93 17.07 -22.61 5.10
N TRP B 94 17.71 -22.43 6.24
CA TRP B 94 17.60 -21.27 7.09
C TRP B 94 18.59 -20.18 6.82
N PRO B 95 18.11 -18.91 6.80
CA PRO B 95 16.70 -18.48 6.96
C PRO B 95 15.82 -18.79 5.75
N HIS B 96 14.50 -18.95 5.96
CA HIS B 96 13.58 -19.11 4.83
C HIS B 96 13.64 -17.83 3.98
N THR B 97 13.66 -17.95 2.67
CA THR B 97 13.70 -16.75 1.83
C THR B 97 12.59 -16.71 0.81
N PHE B 98 12.27 -15.49 0.41
CA PHE B 98 11.28 -15.16 -0.61
C PHE B 98 12.02 -14.63 -1.84
N GLY B 99 11.36 -14.69 -2.99
CA GLY B 99 11.91 -14.08 -4.19
C GLY B 99 11.51 -12.62 -4.13
N GLY B 100 12.12 -11.77 -4.95
CA GLY B 100 11.81 -10.35 -5.03
C GLY B 100 10.36 -10.00 -5.34
N GLY B 101 9.62 -10.96 -5.88
CA GLY B 101 8.23 -10.80 -6.25
C GLY B 101 8.00 -10.34 -7.67
N THR B 102 6.77 -10.51 -8.14
CA THR B 102 6.34 -10.11 -9.48
C THR B 102 5.02 -9.38 -9.31
N LYS B 103 4.93 -8.19 -9.89
CA LYS B 103 3.71 -7.39 -9.90
C LYS B 103 2.95 -7.69 -11.22
N LEU B 104 1.85 -8.40 -11.10
CA LEU B 104 1.00 -8.75 -12.22
C LEU B 104 -0.06 -7.66 -12.37
N GLU B 105 -0.08 -7.04 -13.54
CA GLU B 105 -0.99 -5.98 -13.95
C GLU B 105 -1.87 -6.50 -15.09
N ILE B 106 -3.15 -6.09 -15.08
CA ILE B 106 -4.16 -6.44 -16.08
C ILE B 106 -4.18 -5.34 -17.12
N LYS B 107 -4.07 -5.72 -18.36
CA LYS B 107 -4.17 -4.80 -19.48
C LYS B 107 -5.63 -4.62 -19.80
N ARG B 108 -6.00 -3.42 -20.28
CA ARG B 108 -7.38 -3.02 -20.62
C ARG B 108 -7.35 -1.87 -21.66
N ALA B 109 -8.56 -1.39 -22.07
CA ALA B 109 -8.71 -0.28 -23.03
C ALA B 109 -8.09 1.00 -22.48
N ASP B 110 -7.37 1.73 -23.36
CA ASP B 110 -6.76 2.99 -23.01
C ASP B 110 -7.83 3.95 -22.50
N ALA B 111 -7.57 4.58 -21.37
CA ALA B 111 -8.52 5.50 -20.76
C ALA B 111 -7.81 6.81 -20.44
N ALA B 112 -8.40 7.92 -20.90
CA ALA B 112 -7.85 9.26 -20.67
C ALA B 112 -8.16 9.69 -19.24
N PRO B 113 -7.23 10.39 -18.53
CA PRO B 113 -7.53 10.80 -17.15
C PRO B 113 -8.55 11.94 -17.07
N THR B 114 -9.23 12.02 -15.93
CA THR B 114 -10.15 13.11 -15.60
C THR B 114 -9.33 13.97 -14.67
N VAL B 115 -8.83 15.12 -15.16
CA VAL B 115 -7.97 16.02 -14.40
C VAL B 115 -8.79 17.13 -13.73
N SER B 116 -8.55 17.35 -12.42
CA SER B 116 -9.19 18.37 -11.59
C SER B 116 -8.11 19.15 -10.84
N ILE B 117 -8.18 20.52 -10.87
CA ILE B 117 -7.21 21.36 -10.17
C ILE B 117 -7.83 22.02 -8.94
N PHE B 118 -7.09 22.06 -7.84
CA PHE B 118 -7.50 22.68 -6.60
C PHE B 118 -6.51 23.70 -6.11
N PRO B 119 -6.99 24.93 -5.81
CA PRO B 119 -6.09 25.95 -5.24
C PRO B 119 -5.91 25.72 -3.73
N PRO B 120 -5.03 26.46 -3.02
CA PRO B 120 -4.89 26.25 -1.59
C PRO B 120 -6.10 26.79 -0.84
N SER B 121 -6.46 26.11 0.25
CA SER B 121 -7.57 26.50 1.10
C SER B 121 -7.12 27.66 1.96
N SER B 122 -8.08 28.50 2.38
CA SER B 122 -7.78 29.65 3.23
C SER B 122 -7.25 29.20 4.60
N GLU B 123 -7.61 27.95 5.02
CA GLU B 123 -7.10 27.38 6.27
C GLU B 123 -5.61 27.04 6.18
N GLN B 124 -5.12 26.50 5.05
CA GLN B 124 -3.67 26.24 4.93
C GLN B 124 -2.90 27.57 4.80
N LEU B 125 -3.48 28.54 4.07
CA LEU B 125 -2.82 29.85 3.85
C LEU B 125 -2.62 30.58 5.16
N THR B 126 -3.55 30.41 6.13
CA THR B 126 -3.50 30.97 7.47
C THR B 126 -2.23 30.49 8.22
N SER B 127 -1.87 29.20 8.04
CA SER B 127 -0.72 28.60 8.70
C SER B 127 0.59 28.94 8.02
N GLY B 128 0.53 29.67 6.90
CA GLY B 128 1.69 30.11 6.13
C GLY B 128 2.22 29.13 5.11
N GLY B 129 1.33 28.29 4.57
CA GLY B 129 1.63 27.26 3.58
C GLY B 129 0.68 27.28 2.39
N ALA B 130 1.11 26.69 1.27
CA ALA B 130 0.27 26.69 0.07
C ALA B 130 0.43 25.46 -0.82
N SER B 131 -0.56 24.57 -0.83
CA SER B 131 -0.49 23.41 -1.70
C SER B 131 -1.49 23.56 -2.83
N VAL B 132 -1.03 23.27 -4.03
CA VAL B 132 -1.84 23.28 -5.25
C VAL B 132 -1.96 21.80 -5.56
N VAL B 133 -3.20 21.31 -5.59
CA VAL B 133 -3.49 19.90 -5.74
C VAL B 133 -4.14 19.58 -7.07
N CYS B 134 -3.65 18.51 -7.66
CA CYS B 134 -4.10 18.00 -8.93
C CYS B 134 -4.42 16.50 -8.83
N PHE B 135 -5.63 16.11 -9.26
CA PHE B 135 -6.10 14.73 -9.27
C PHE B 135 -6.29 14.32 -10.71
N LEU B 136 -5.81 13.12 -11.05
CA LEU B 136 -5.82 12.52 -12.39
C LEU B 136 -6.39 11.17 -12.17
N ASN B 137 -7.67 11.04 -12.37
CA ASN B 137 -8.37 9.79 -12.08
C ASN B 137 -8.80 8.96 -13.28
N ASN B 138 -8.89 7.65 -13.06
CA ASN B 138 -9.41 6.61 -13.94
C ASN B 138 -8.76 6.58 -15.33
N PHE B 139 -7.44 6.41 -15.38
CA PHE B 139 -6.74 6.33 -16.63
C PHE B 139 -6.01 4.99 -16.80
N TYR B 140 -5.76 4.60 -18.06
CA TYR B 140 -4.98 3.44 -18.46
C TYR B 140 -4.23 3.77 -19.74
N PRO B 141 -2.93 3.44 -19.93
CA PRO B 141 -1.98 2.78 -19.01
C PRO B 141 -1.52 3.69 -17.87
N LYS B 142 -0.82 3.08 -16.90
CA LYS B 142 -0.30 3.65 -15.68
C LYS B 142 0.65 4.80 -15.93
N ASP B 143 1.48 4.67 -16.99
CA ASP B 143 2.49 5.68 -17.35
C ASP B 143 1.81 6.97 -17.75
N ILE B 144 2.17 8.04 -17.05
CA ILE B 144 1.61 9.36 -17.22
C ILE B 144 2.66 10.35 -16.78
N ASN B 145 2.81 11.44 -17.51
CA ASN B 145 3.77 12.47 -17.14
C ASN B 145 3.08 13.71 -16.61
N VAL B 146 3.27 14.04 -15.34
CA VAL B 146 2.59 15.20 -14.76
C VAL B 146 3.59 16.32 -14.51
N LYS B 147 3.33 17.51 -15.07
CA LYS B 147 4.17 18.70 -14.87
C LYS B 147 3.36 19.87 -14.29
N TRP B 148 4.05 20.74 -13.53
CA TRP B 148 3.50 21.92 -12.87
C TRP B 148 4.14 23.17 -13.46
N LYS B 149 3.31 24.11 -13.94
CA LYS B 149 3.80 25.37 -14.49
C LYS B 149 3.25 26.53 -13.70
N ILE B 150 4.15 27.37 -13.22
CA ILE B 150 3.83 28.54 -12.47
C ILE B 150 4.20 29.68 -13.39
N ASP B 151 3.18 30.48 -13.79
CA ASP B 151 3.31 31.59 -14.73
C ASP B 151 4.06 31.17 -16.01
N GLY B 152 3.82 29.93 -16.39
CA GLY B 152 4.44 29.36 -17.57
C GLY B 152 5.76 28.67 -17.39
N SER B 153 6.40 28.80 -16.21
CA SER B 153 7.68 28.14 -16.01
C SER B 153 7.53 26.86 -15.18
N GLU B 154 8.03 25.75 -15.78
CA GLU B 154 7.97 24.38 -15.27
C GLU B 154 8.70 24.27 -13.92
N ARG B 155 8.08 23.56 -12.97
CA ARG B 155 8.52 23.47 -11.57
C ARG B 155 8.47 22.07 -10.98
N GLN B 156 9.58 21.58 -10.38
CA GLN B 156 9.61 20.28 -9.70
C GLN B 156 9.86 20.36 -8.17
N ASN B 157 10.53 21.41 -7.68
CA ASN B 157 10.72 21.54 -6.24
C ASN B 157 9.37 21.63 -5.51
N GLY B 158 9.23 20.81 -4.48
CA GLY B 158 8.01 20.70 -3.68
C GLY B 158 6.81 20.04 -4.34
N VAL B 159 7.04 19.18 -5.35
CA VAL B 159 6.01 18.42 -6.09
C VAL B 159 5.99 17.00 -5.56
N LEU B 160 4.84 16.46 -5.14
CA LEU B 160 4.86 15.07 -4.72
C LEU B 160 3.72 14.27 -5.37
N ASN B 161 4.02 13.11 -5.87
CA ASN B 161 3.04 12.27 -6.56
C ASN B 161 2.78 10.97 -5.85
N SER B 162 1.61 10.41 -6.09
CA SER B 162 1.20 9.13 -5.52
C SER B 162 0.22 8.53 -6.48
N TRP B 163 0.45 7.28 -6.85
CA TRP B 163 -0.43 6.54 -7.74
C TRP B 163 -1.20 5.56 -6.91
N THR B 164 -2.49 5.35 -7.22
CA THR B 164 -3.19 4.28 -6.52
C THR B 164 -2.71 2.99 -7.19
N ASP B 165 -2.98 1.86 -6.54
CA ASP B 165 -2.78 0.55 -7.12
C ASP B 165 -3.94 0.39 -8.11
N GLN B 166 -3.83 -0.57 -9.01
CA GLN B 166 -4.85 -0.87 -10.00
C GLN B 166 -6.23 -1.09 -9.32
N ASP B 167 -7.29 -0.50 -9.89
CA ASP B 167 -8.63 -0.63 -9.36
C ASP B 167 -9.16 -2.05 -9.68
N SER B 168 -9.64 -2.74 -8.64
CA SER B 168 -10.21 -4.09 -8.73
C SER B 168 -11.37 -4.20 -9.72
N LYS B 169 -12.29 -3.21 -9.71
CA LYS B 169 -13.50 -3.19 -10.55
C LYS B 169 -13.29 -2.79 -12.02
N ASP B 170 -12.42 -1.79 -12.33
CA ASP B 170 -12.28 -1.31 -13.70
C ASP B 170 -10.84 -1.27 -14.24
N SER B 171 -9.87 -1.79 -13.45
CA SER B 171 -8.44 -1.91 -13.79
C SER B 171 -7.76 -0.62 -14.23
N THR B 172 -8.34 0.51 -13.87
CA THR B 172 -7.76 1.82 -14.17
C THR B 172 -6.88 2.23 -13.01
N TYR B 173 -6.22 3.35 -13.19
CA TYR B 173 -5.37 3.95 -12.18
C TYR B 173 -5.78 5.37 -11.97
N SER B 174 -5.52 5.86 -10.79
CA SER B 174 -5.67 7.24 -10.41
C SER B 174 -4.33 7.71 -9.82
N MET B 175 -4.06 9.01 -9.89
CA MET B 175 -2.85 9.60 -9.35
C MET B 175 -3.09 11.01 -8.81
N SER B 176 -2.31 11.38 -7.81
CA SER B 176 -2.44 12.70 -7.19
C SER B 176 -1.12 13.37 -7.19
N SER B 177 -1.10 14.63 -7.67
CA SER B 177 0.07 15.46 -7.75
C SER B 177 -0.15 16.74 -6.93
N THR B 178 0.72 16.95 -5.92
CA THR B 178 0.65 18.09 -5.02
C THR B 178 1.89 18.98 -5.10
N LEU B 179 1.69 20.25 -5.48
CA LEU B 179 2.77 21.22 -5.51
C LEU B 179 2.64 22.09 -4.28
N THR B 180 3.59 21.97 -3.35
CA THR B 180 3.66 22.69 -2.08
C THR B 180 4.69 23.84 -2.08
N LEU B 181 4.22 25.04 -1.80
CA LEU B 181 5.10 26.19 -1.65
C LEU B 181 4.68 27.02 -0.47
N THR B 182 5.58 27.90 -0.04
CA THR B 182 5.29 28.85 1.02
C THR B 182 4.17 29.78 0.50
N LYS B 183 3.34 30.32 1.43
CA LYS B 183 2.26 31.28 1.18
C LYS B 183 2.80 32.51 0.39
N ASP B 184 3.87 33.12 0.92
CA ASP B 184 4.55 34.30 0.38
C ASP B 184 4.94 34.12 -1.08
N GLU B 185 5.51 32.95 -1.44
CA GLU B 185 5.93 32.57 -2.80
C GLU B 185 4.68 32.37 -3.67
N TYR B 186 3.61 31.72 -3.12
CA TYR B 186 2.35 31.49 -3.83
C TYR B 186 1.75 32.82 -4.28
N GLU B 187 1.80 33.82 -3.40
CA GLU B 187 1.30 35.17 -3.67
C GLU B 187 2.16 35.97 -4.70
N ARG B 188 3.31 35.44 -5.12
CA ARG B 188 4.19 36.14 -6.08
C ARG B 188 3.82 35.79 -7.51
N HIS B 189 3.01 34.76 -7.69
CA HIS B 189 2.62 34.26 -9.00
C HIS B 189 1.13 34.26 -9.23
N ASN B 190 0.72 34.37 -10.50
CA ASN B 190 -0.71 34.42 -10.88
C ASN B 190 -1.29 33.08 -11.36
N SER B 191 -0.71 32.47 -12.43
CA SER B 191 -1.22 31.20 -13.00
C SER B 191 -0.55 29.96 -12.43
N TYR B 192 -1.38 28.96 -12.12
CA TYR B 192 -0.94 27.69 -11.61
C TYR B 192 -1.52 26.62 -12.49
N THR B 193 -0.69 25.87 -13.25
CA THR B 193 -1.30 24.85 -14.08
C THR B 193 -0.72 23.47 -13.85
N CYS B 194 -1.57 22.46 -14.05
CA CYS B 194 -1.30 21.04 -13.94
C CYS B 194 -1.37 20.54 -15.36
N GLU B 195 -0.30 19.88 -15.85
CA GLU B 195 -0.19 19.36 -17.21
C GLU B 195 0.07 17.85 -17.24
N ALA B 196 -0.82 17.12 -17.91
CA ALA B 196 -0.71 15.67 -17.97
C ALA B 196 -0.47 15.16 -19.37
N THR B 197 0.73 14.58 -19.61
CA THR B 197 1.04 13.95 -20.87
C THR B 197 0.70 12.47 -20.69
N HIS B 198 -0.16 11.95 -21.55
CA HIS B 198 -0.64 10.56 -21.49
C HIS B 198 -0.84 10.04 -22.90
N LYS B 199 -0.64 8.73 -23.11
CA LYS B 199 -0.76 8.09 -24.43
C LYS B 199 -2.12 8.29 -25.13
N THR B 200 -3.19 8.65 -24.39
CA THR B 200 -4.55 8.88 -24.94
C THR B 200 -4.71 10.17 -25.76
N SER B 201 -3.68 11.02 -25.83
CA SER B 201 -3.68 12.27 -26.62
C SER B 201 -2.28 12.76 -26.91
N THR B 202 -2.06 13.32 -28.11
CA THR B 202 -0.75 13.85 -28.54
C THR B 202 -0.41 15.10 -27.73
N SER B 203 -1.45 15.88 -27.46
CA SER B 203 -1.43 17.11 -26.71
C SER B 203 -1.77 16.85 -25.26
N PRO B 204 -1.01 17.45 -24.32
CA PRO B 204 -1.29 17.23 -22.90
C PRO B 204 -2.59 17.87 -22.42
N ILE B 205 -3.16 17.32 -21.34
CA ILE B 205 -4.39 17.81 -20.72
C ILE B 205 -3.98 18.90 -19.73
N VAL B 206 -4.59 20.08 -19.85
CA VAL B 206 -4.23 21.22 -19.00
C VAL B 206 -5.37 21.69 -18.11
N LYS B 207 -5.08 21.84 -16.83
CA LYS B 207 -6.00 22.36 -15.82
C LYS B 207 -5.31 23.54 -15.16
N SER B 208 -5.98 24.70 -15.17
CA SER B 208 -5.44 25.95 -14.68
C SER B 208 -6.28 26.66 -13.66
N PHE B 209 -5.60 27.34 -12.77
CA PHE B 209 -6.16 28.19 -11.75
C PHE B 209 -5.37 29.50 -11.77
N ASN B 210 -6.07 30.64 -11.63
CA ASN B 210 -5.43 31.95 -11.58
C ASN B 210 -5.71 32.57 -10.20
N ARG B 211 -4.66 32.78 -9.40
CA ARG B 211 -4.76 33.39 -8.09
C ARG B 211 -5.50 34.74 -8.18
N ASN B 212 -5.30 35.47 -9.31
CA ASN B 212 -5.93 36.77 -9.55
C ASN B 212 -7.43 36.67 -9.87
N GLU B 213 -7.95 35.45 -10.07
CA GLU B 213 -9.35 35.19 -10.38
C GLU B 213 -9.85 33.98 -9.61
#